data_9U4U
#
_entry.id   9U4U
#
_cell.length_a   1.00
_cell.length_b   1.00
_cell.length_c   1.00
_cell.angle_alpha   90.00
_cell.angle_beta   90.00
_cell.angle_gamma   90.00
#
_symmetry.space_group_name_H-M   'P 1'
#
_entity_poly.entity_id   1
_entity_poly.type   'polypeptide(L)'
_entity_poly.pdbx_seq_one_letter_code
;MKPTMALKPLVFALAALMAVAAQAGPAEKWKPTPAPTGTVAAAVTDTQVSKDNKFDDTKTLNNAGANGSLSNSKGNLGAN
IAAGSGNQQDNAAAITSSAGDAATVFAVADIYQESKDNKFTNKGTQNNALLNNSANNSSGNVGVNVAAGQGNQQKNNLAI
VTADGKNVAAASNTEQVSLDNHFLNEASSKHSYKPQYVVNNAGLLNSANNASGNIGVNVAAGAGNQQSNTLTLGSGCTVC
AAGTGSKLAF
;
_entity_poly.pdbx_strand_id   A,B,C
#
# COMPACT_ATOMS: atom_id res chain seq x y z
N THR A 45 16.70 12.54 -20.09
CA THR A 45 17.16 11.34 -19.38
C THR A 45 17.86 11.73 -18.09
N ASP A 46 17.26 11.35 -16.96
CA ASP A 46 17.80 11.64 -15.64
C ASP A 46 18.33 10.37 -15.01
N THR A 47 19.25 10.53 -14.06
CA THR A 47 19.84 9.40 -13.37
C THR A 47 20.26 9.83 -11.98
N GLN A 48 20.02 8.98 -10.99
CA GLN A 48 20.41 9.24 -9.61
C GLN A 48 20.95 7.94 -9.01
N VAL A 49 22.25 7.92 -8.74
CA VAL A 49 22.92 6.69 -8.33
C VAL A 49 23.67 6.95 -7.02
N SER A 50 23.70 5.94 -6.17
CA SER A 50 24.44 6.01 -4.91
C SER A 50 25.22 4.71 -4.74
N LYS A 51 26.54 4.79 -4.89
CA LYS A 51 27.43 3.65 -4.64
C LYS A 51 27.65 3.51 -3.14
N ASP A 52 28.69 2.77 -2.75
CA ASP A 52 29.00 2.50 -1.35
C ASP A 52 28.93 3.77 -0.53
N ASN A 53 28.45 3.63 0.71
CA ASN A 53 28.29 4.75 1.63
C ASN A 53 28.17 4.22 3.05
N LYS A 54 29.00 4.71 3.96
CA LYS A 54 29.02 4.23 5.33
C LYS A 54 28.32 5.26 6.22
N PHE A 55 27.12 4.94 6.65
CA PHE A 55 26.35 5.77 7.58
C PHE A 55 26.45 5.16 8.97
N ASP A 56 26.88 5.95 9.95
CA ASP A 56 26.97 5.49 11.32
C ASP A 56 26.46 6.58 12.24
N ASP A 57 25.51 6.23 13.09
CA ASP A 57 24.97 7.17 14.08
C ASP A 57 25.33 6.72 15.50
N THR A 60 20.60 11.83 17.46
CA THR A 60 20.47 12.46 16.15
C THR A 60 19.01 12.75 15.81
N LEU A 61 18.74 14.00 15.46
CA LEU A 61 17.38 14.47 15.17
C LEU A 61 17.29 14.84 13.70
N ASN A 62 16.28 14.32 13.01
CA ASN A 62 16.03 14.63 11.61
C ASN A 62 14.56 14.97 11.44
N ASN A 63 14.27 16.25 11.19
CA ASN A 63 12.90 16.71 11.00
C ASN A 63 12.77 17.30 9.61
N ALA A 64 11.77 16.84 8.86
CA ALA A 64 11.45 17.38 7.56
C ALA A 64 9.93 17.48 7.43
N GLY A 65 9.45 18.65 7.04
CA GLY A 65 8.01 18.86 7.00
C GLY A 65 7.64 20.00 6.08
N ALA A 66 6.35 20.06 5.78
CA ALA A 66 5.77 21.11 4.95
C ALA A 66 4.47 21.55 5.60
N ASN A 67 4.45 22.79 6.11
CA ASN A 67 3.25 23.35 6.73
C ASN A 67 2.31 23.83 5.63
N GLY A 68 1.32 24.65 5.99
CA GLY A 68 0.28 25.01 5.05
C GLY A 68 0.84 25.62 3.78
N SER A 69 0.85 24.82 2.71
CA SER A 69 1.60 25.16 1.51
C SER A 69 1.10 24.26 0.38
N LEU A 70 1.44 24.63 -0.85
CA LEU A 70 0.95 23.95 -2.05
C LEU A 70 -0.56 23.80 -2.06
N SER A 71 -1.27 24.72 -1.39
CA SER A 71 -2.70 24.56 -1.17
C SER A 71 -3.46 24.57 -2.50
N ASN A 72 -3.10 25.46 -3.41
CA ASN A 72 -3.74 25.56 -4.71
C ASN A 72 -2.75 25.23 -5.80
N SER A 73 -3.25 24.71 -6.91
CA SER A 73 -2.38 24.30 -8.01
C SER A 73 -3.19 24.23 -9.29
N LYS A 74 -2.47 24.25 -10.40
CA LYS A 74 -3.06 24.05 -11.72
C LYS A 74 -2.06 23.31 -12.59
N GLY A 75 -2.55 22.33 -13.34
CA GLY A 75 -1.68 21.52 -14.16
C GLY A 75 -1.04 20.38 -13.39
N ASN A 76 0.23 20.51 -13.06
CA ASN A 76 0.97 19.46 -12.37
C ASN A 76 1.56 19.99 -11.07
N LEU A 77 1.77 19.07 -10.13
CA LEU A 77 2.41 19.38 -8.86
C LEU A 77 2.98 18.09 -8.29
N GLY A 78 4.18 18.17 -7.74
CA GLY A 78 4.81 17.02 -7.14
C GLY A 78 5.69 17.36 -5.97
N ALA A 79 5.51 16.67 -4.84
CA ALA A 79 6.29 16.95 -3.64
C ALA A 79 6.78 15.64 -3.05
N ASN A 80 8.02 15.65 -2.59
CA ASN A 80 8.62 14.49 -1.93
C ASN A 80 9.32 14.96 -0.67
N ILE A 81 9.02 14.31 0.46
CA ILE A 81 9.58 14.66 1.75
C ILE A 81 10.18 13.42 2.37
N ALA A 82 11.39 13.54 2.90
CA ALA A 82 12.05 12.41 3.54
C ALA A 82 12.93 12.93 4.66
N ALA A 83 13.17 12.07 5.65
CA ALA A 83 14.04 12.39 6.78
C ALA A 83 14.83 11.13 7.12
N GLY A 84 16.09 11.10 6.67
CA GLY A 84 16.87 9.89 6.78
C GLY A 84 18.35 10.08 6.61
N SER A 85 18.99 9.20 5.84
CA SER A 85 20.42 9.30 5.59
C SER A 85 20.75 9.39 4.11
N GLY A 86 20.19 8.52 3.28
CA GLY A 86 20.54 8.49 1.87
C GLY A 86 19.37 8.47 0.92
N ASN A 87 18.32 9.21 1.25
CA ASN A 87 17.12 9.22 0.44
C ASN A 87 17.39 9.88 -0.91
N GLN A 88 16.53 9.58 -1.88
CA GLN A 88 16.66 10.12 -3.22
C GLN A 88 15.31 10.64 -3.69
N GLN A 89 15.30 11.80 -4.32
CA GLN A 89 14.08 12.46 -4.75
C GLN A 89 14.21 12.91 -6.20
N ASP A 90 13.11 12.83 -6.94
CA ASP A 90 13.11 13.21 -8.34
C ASP A 90 11.68 13.53 -8.75
N ASN A 91 11.53 14.56 -9.57
CA ASN A 91 10.23 14.98 -10.08
C ASN A 91 10.35 15.24 -11.58
N ALA A 92 9.37 14.77 -12.34
CA ALA A 92 9.34 14.96 -13.78
C ALA A 92 7.91 15.27 -14.21
N ALA A 93 7.69 16.45 -14.78
CA ALA A 93 6.37 16.87 -15.19
C ALA A 93 6.47 17.65 -16.50
N ALA A 94 5.38 17.64 -17.26
CA ALA A 94 5.35 18.31 -18.55
C ALA A 94 3.90 18.58 -18.94
N ILE A 95 3.73 19.54 -19.85
CA ILE A 95 2.43 19.84 -20.45
C ILE A 95 2.60 19.98 -21.96
N THR A 96 1.68 19.38 -22.70
CA THR A 96 1.64 19.47 -24.16
C THR A 96 2.94 18.98 -24.80
N ASP A 110 12.61 8.25 -19.68
CA ASP A 110 13.76 7.40 -19.43
C ASP A 110 14.54 7.92 -18.22
N ILE A 111 14.16 7.46 -17.03
CA ILE A 111 14.74 7.92 -15.77
C ILE A 111 15.15 6.69 -14.96
N TYR A 112 16.10 6.88 -14.05
CA TYR A 112 16.62 5.78 -13.25
C TYR A 112 16.84 6.29 -11.83
N GLN A 113 16.97 5.32 -10.91
CA GLN A 113 17.30 5.63 -9.51
C GLN A 113 17.89 4.38 -8.90
N GLU A 114 19.22 4.33 -8.80
CA GLU A 114 19.91 3.17 -8.27
C GLU A 114 20.40 3.46 -6.86
N SER A 115 20.47 2.41 -6.04
CA SER A 115 21.02 2.52 -4.69
C SER A 115 21.78 1.21 -4.42
N LYS A 116 23.07 1.23 -4.69
CA LYS A 116 23.93 0.06 -4.50
C LYS A 116 24.28 -0.07 -3.02
N ASP A 117 25.28 -0.89 -2.73
CA ASP A 117 25.68 -1.20 -1.36
C ASP A 117 25.83 0.06 -0.51
N ASN A 118 25.23 0.05 0.67
CA ASN A 118 25.41 1.11 1.65
C ASN A 118 25.30 0.49 3.03
N LYS A 119 26.17 0.91 3.94
CA LYS A 119 26.18 0.38 5.30
C LYS A 119 25.47 1.36 6.22
N PHE A 120 24.24 1.03 6.60
CA PHE A 120 23.48 1.83 7.56
C PHE A 120 23.60 1.19 8.94
N THR A 121 24.10 1.96 9.90
CA THR A 121 24.33 1.44 11.24
C THR A 121 23.95 2.51 12.26
N ASN A 122 23.22 2.11 13.29
CA ASN A 122 22.82 3.02 14.36
C ASN A 122 22.43 2.26 15.64
N THR A 125 18.38 7.48 17.73
CA THR A 125 18.07 8.49 16.73
C THR A 125 16.57 8.53 16.43
N GLN A 126 16.04 9.74 16.27
CA GLN A 126 14.62 9.93 15.98
C GLN A 126 14.49 10.60 14.61
N ASN A 127 13.69 10.02 13.74
CA ASN A 127 13.47 10.53 12.39
C ASN A 127 12.02 10.94 12.26
N ASN A 128 11.79 12.20 11.90
CA ASN A 128 10.46 12.76 11.75
C ASN A 128 10.27 13.27 10.34
N ALA A 129 9.53 12.53 9.53
CA ALA A 129 9.08 13.00 8.22
C ALA A 129 7.59 13.28 8.32
N LEU A 130 7.20 14.52 8.05
CA LEU A 130 5.84 14.95 8.34
C LEU A 130 5.37 15.85 7.20
N LEU A 131 4.06 15.93 7.06
CA LEU A 131 3.46 16.87 6.10
C LEU A 131 2.15 17.36 6.71
N ASN A 132 2.16 18.60 7.18
CA ASN A 132 0.95 19.23 7.70
C ASN A 132 0.09 19.70 6.54
N ASN A 133 -0.86 20.59 6.81
CA ASN A 133 -1.77 21.12 5.79
C ASN A 133 -1.05 21.40 4.49
N SER A 134 -1.55 20.80 3.40
CA SER A 134 -0.95 20.99 2.09
C SER A 134 -1.82 20.34 1.04
N ALA A 135 -1.62 20.75 -0.22
CA ALA A 135 -2.23 20.12 -1.39
C ALA A 135 -3.75 20.02 -1.24
N ASN A 136 -4.37 21.08 -0.72
CA ASN A 136 -5.77 20.99 -0.36
C ASN A 136 -6.69 21.08 -1.58
N ASN A 137 -6.67 22.21 -2.27
CA ASN A 137 -7.55 22.45 -3.42
C ASN A 137 -6.68 22.55 -4.67
N SER A 138 -6.52 21.42 -5.37
CA SER A 138 -5.66 21.36 -6.53
C SER A 138 -6.44 20.83 -7.72
N SER A 139 -6.09 21.33 -8.91
CA SER A 139 -6.68 20.87 -10.15
C SER A 139 -5.59 20.33 -11.05
N GLY A 140 -5.77 19.12 -11.56
CA GLY A 140 -4.78 18.48 -12.40
C GLY A 140 -4.16 17.26 -11.76
N ASN A 141 -2.84 17.28 -11.60
CA ASN A 141 -2.09 16.14 -11.08
C ASN A 141 -1.35 16.53 -9.82
N VAL A 142 -1.39 15.66 -8.81
CA VAL A 142 -0.67 15.87 -7.56
C VAL A 142 -0.02 14.56 -7.14
N GLY A 143 1.26 14.61 -6.80
CA GLY A 143 1.96 13.44 -6.31
C GLY A 143 2.77 13.75 -5.06
N VAL A 144 2.48 13.07 -3.97
CA VAL A 144 3.13 13.31 -2.70
C VAL A 144 3.71 12.01 -2.18
N ASN A 145 4.99 12.05 -1.79
CA ASN A 145 5.66 10.89 -1.21
C ASN A 145 6.36 11.30 0.06
N VAL A 146 6.08 10.58 1.15
CA VAL A 146 6.67 10.86 2.45
C VAL A 146 7.30 9.57 2.98
N ALA A 147 8.50 9.69 3.53
CA ALA A 147 9.18 8.52 4.06
C ALA A 147 10.13 8.96 5.16
N ALA A 148 10.20 8.15 6.23
CA ALA A 148 11.07 8.42 7.37
C ALA A 148 11.93 7.18 7.61
N GLY A 149 13.07 7.11 6.92
CA GLY A 149 13.89 5.93 6.99
C GLY A 149 15.37 6.22 6.85
N GLN A 150 16.06 5.43 6.04
CA GLN A 150 17.48 5.66 5.78
C GLN A 150 17.82 5.67 4.30
N GLY A 151 17.18 4.82 3.50
CA GLY A 151 17.54 4.72 2.09
C GLY A 151 16.35 4.71 1.16
N ASN A 152 15.33 5.49 1.49
CA ASN A 152 14.12 5.51 0.68
C ASN A 152 14.36 6.18 -0.66
N GLN A 153 13.48 5.90 -1.62
CA GLN A 153 13.57 6.47 -2.95
C GLN A 153 12.19 6.97 -3.38
N GLN A 154 12.15 8.13 -4.01
CA GLN A 154 10.90 8.80 -4.35
C GLN A 154 10.94 9.27 -5.80
N LYS A 155 9.77 9.30 -6.44
CA LYS A 155 9.68 9.71 -7.82
C LYS A 155 8.25 10.12 -8.13
N ASN A 156 8.12 11.15 -8.97
CA ASN A 156 6.81 11.63 -9.41
C ASN A 156 6.87 11.91 -10.90
N ASN A 157 5.94 11.31 -11.66
CA ASN A 157 5.84 11.51 -13.09
C ASN A 157 4.48 12.08 -13.42
N LEU A 158 4.46 13.23 -14.11
CA LEU A 158 3.22 13.92 -14.42
C LEU A 158 3.24 14.35 -15.88
N ALA A 159 2.05 14.47 -16.47
CA ALA A 159 1.95 14.86 -17.88
C ALA A 159 0.56 15.39 -18.16
N ILE A 160 0.47 16.24 -19.18
CA ILE A 160 -0.79 16.77 -19.67
C ILE A 160 -0.78 16.68 -21.19
N VAL A 161 -1.89 16.20 -21.76
CA VAL A 161 -2.03 16.03 -23.20
C VAL A 161 -0.90 15.17 -23.77
N ASN A 173 9.69 5.87 -19.65
CA ASN A 173 10.09 4.76 -18.80
C ASN A 173 10.35 5.23 -17.38
N THR A 174 10.54 4.28 -16.47
CA THR A 174 10.78 4.55 -15.06
C THR A 174 11.35 3.28 -14.44
N GLU A 175 12.31 3.46 -13.55
CA GLU A 175 12.92 2.31 -12.88
C GLU A 175 13.54 2.77 -11.57
N GLN A 176 13.32 1.98 -10.53
CA GLN A 176 13.84 2.29 -9.20
C GLN A 176 14.31 0.99 -8.56
N VAL A 177 15.62 0.82 -8.45
CA VAL A 177 16.21 -0.41 -7.97
C VAL A 177 17.00 -0.13 -6.70
N SER A 178 17.07 -1.12 -5.82
CA SER A 178 17.85 -1.02 -4.59
C SER A 178 18.65 -2.32 -4.46
N LEU A 179 19.94 -2.25 -4.73
CA LEU A 179 20.82 -3.42 -4.67
C LEU A 179 21.13 -3.75 -3.22
N ASP A 180 22.17 -4.57 -3.01
CA ASP A 180 22.57 -4.98 -1.67
C ASP A 180 22.71 -3.77 -0.76
N ASN A 181 22.38 -3.97 0.51
CA ASN A 181 22.50 -2.92 1.51
C ASN A 181 22.58 -3.57 2.89
N HIS A 182 23.05 -2.79 3.85
CA HIS A 182 23.23 -3.27 5.22
C HIS A 182 22.48 -2.33 6.16
N PHE A 183 21.26 -2.71 6.52
CA PHE A 183 20.47 -1.96 7.49
C PHE A 183 20.57 -2.66 8.84
N LEU A 184 21.04 -1.92 9.84
CA LEU A 184 21.16 -2.47 11.20
C LEU A 184 20.65 -1.44 12.19
N ASN A 185 19.94 -1.91 13.21
CA ASN A 185 19.40 -1.02 14.24
C ASN A 185 19.55 -1.64 15.62
N VAL A 198 15.80 3.76 18.42
CA VAL A 198 15.58 4.29 17.07
C VAL A 198 14.09 4.39 16.80
N VAL A 199 13.63 5.60 16.47
CA VAL A 199 12.22 5.88 16.25
C VAL A 199 12.05 6.53 14.88
N ASN A 200 11.12 6.02 14.09
CA ASN A 200 10.82 6.55 12.76
C ASN A 200 9.35 6.93 12.73
N ASN A 201 9.07 8.20 12.41
CA ASN A 201 7.70 8.70 12.35
C ASN A 201 7.44 9.28 10.97
N ALA A 202 6.49 8.69 10.26
CA ALA A 202 5.95 9.29 9.06
C ALA A 202 4.74 10.14 9.46
N GLY A 203 4.01 10.64 8.47
CA GLY A 203 2.84 11.43 8.81
C GLY A 203 2.19 12.14 7.65
N LEU A 204 0.86 12.29 7.73
CA LEU A 204 0.10 13.05 6.73
C LEU A 204 -1.08 13.67 7.47
N LEU A 205 -0.92 14.92 7.90
CA LEU A 205 -2.00 15.63 8.57
C LEU A 205 -3.00 16.11 7.52
N ASN A 206 -3.89 17.03 7.91
CA ASN A 206 -4.97 17.46 7.02
C ASN A 206 -4.42 17.93 5.69
N SER A 207 -4.64 17.15 4.64
CA SER A 207 -4.03 17.41 3.35
C SER A 207 -4.84 16.69 2.28
N ALA A 208 -4.52 17.00 1.02
CA ALA A 208 -5.18 16.34 -0.12
C ALA A 208 -6.69 16.51 -0.06
N ASN A 209 -7.13 17.60 0.56
CA ASN A 209 -8.53 17.70 1.00
C ASN A 209 -9.50 17.66 -0.17
N ASN A 210 -9.29 18.49 -1.18
CA ASN A 210 -10.20 18.56 -2.32
C ASN A 210 -9.38 18.59 -3.60
N ALA A 211 -9.06 17.40 -4.12
CA ALA A 211 -8.22 17.27 -5.30
C ALA A 211 -9.11 16.84 -6.48
N SER A 212 -9.12 17.64 -7.53
CA SER A 212 -9.86 17.35 -8.74
C SER A 212 -8.88 16.90 -9.82
N GLY A 213 -9.12 15.74 -10.41
CA GLY A 213 -8.23 15.20 -11.42
C GLY A 213 -7.51 13.95 -10.96
N ASN A 214 -6.21 14.07 -10.75
CA ASN A 214 -5.39 12.96 -10.29
C ASN A 214 -4.69 13.33 -8.99
N ILE A 215 -4.47 12.32 -8.14
CA ILE A 215 -3.72 12.51 -6.92
C ILE A 215 -3.22 11.16 -6.41
N GLY A 216 -1.97 11.11 -5.99
CA GLY A 216 -1.40 9.90 -5.43
C GLY A 216 -0.52 10.20 -4.24
N VAL A 217 -0.67 9.45 -3.17
CA VAL A 217 0.07 9.68 -1.94
C VAL A 217 0.68 8.37 -1.47
N ASN A 218 1.96 8.40 -1.14
CA ASN A 218 2.66 7.23 -0.62
C ASN A 218 3.37 7.63 0.67
N VAL A 219 3.06 6.94 1.76
CA VAL A 219 3.65 7.22 3.06
C VAL A 219 4.28 5.94 3.59
N ALA A 220 5.50 6.06 4.11
CA ALA A 220 6.21 4.91 4.64
C ALA A 220 7.14 5.36 5.75
N ALA A 221 7.47 4.41 6.63
CA ALA A 221 8.40 4.67 7.74
C ALA A 221 9.18 3.39 7.98
N GLY A 222 10.45 3.39 7.58
CA GLY A 222 11.21 2.17 7.58
C GLY A 222 12.70 2.33 7.37
N ALA A 223 13.27 1.53 6.47
CA ALA A 223 14.69 1.61 6.16
C ALA A 223 14.98 1.67 4.67
N GLY A 224 14.24 0.93 3.85
CA GLY A 224 14.54 0.87 2.44
C GLY A 224 13.32 0.95 1.53
N ASN A 225 12.32 1.73 1.94
CA ASN A 225 11.08 1.82 1.19
C ASN A 225 11.33 2.46 -0.17
N GLN A 226 10.40 2.21 -1.09
CA GLN A 226 10.48 2.78 -2.43
C GLN A 226 9.10 3.26 -2.85
N GLN A 227 9.04 4.47 -3.39
CA GLN A 227 7.79 5.11 -3.75
C GLN A 227 7.87 5.69 -5.15
N SER A 228 6.75 5.65 -5.87
CA SER A 228 6.69 6.18 -7.22
C SER A 228 5.24 6.53 -7.55
N ASN A 229 5.09 7.55 -8.38
CA ASN A 229 3.78 8.01 -8.81
C ASN A 229 3.81 8.26 -10.31
N THR A 230 2.66 8.09 -10.96
CA THR A 230 2.56 8.27 -12.40
C THR A 230 1.14 8.71 -12.73
N LEU A 231 0.98 9.95 -13.17
CA LEU A 231 -0.33 10.50 -13.50
C LEU A 231 -0.27 11.21 -14.84
N THR A 232 -1.40 11.23 -15.53
CA THR A 232 -1.47 11.89 -16.83
C THR A 232 -2.91 12.22 -17.17
N LEU A 233 -3.08 13.18 -18.08
CA LEU A 233 -4.38 13.61 -18.56
C LEU A 233 -4.36 13.56 -20.09
N GLY A 234 -5.41 14.12 -20.69
CA GLY A 234 -5.50 14.20 -22.14
C GLY A 234 -5.70 12.87 -22.81
N THR B 45 6.06 2.87 -18.69
CA THR B 45 6.54 1.62 -18.10
C THR B 45 7.36 1.91 -16.84
N ASP B 46 6.84 1.46 -15.70
CA ASP B 46 7.49 1.66 -14.42
C ASP B 46 8.04 0.33 -13.92
N THR B 47 9.03 0.42 -13.03
CA THR B 47 9.65 -0.77 -12.46
C THR B 47 10.19 -0.43 -11.09
N GLN B 48 10.01 -1.36 -10.14
CA GLN B 48 10.52 -1.20 -8.78
C GLN B 48 11.08 -2.54 -8.33
N VAL B 49 12.40 -2.60 -8.16
CA VAL B 49 13.09 -3.85 -7.89
C VAL B 49 13.93 -3.70 -6.64
N SER B 50 14.01 -4.77 -5.85
CA SER B 50 14.86 -4.80 -4.66
C SER B 50 15.61 -6.11 -4.64
N LYS B 51 16.92 -6.05 -4.89
CA LYS B 51 17.81 -7.20 -4.79
C LYS B 51 18.14 -7.45 -3.33
N ASP B 52 19.20 -8.24 -3.07
CA ASP B 52 19.62 -8.60 -1.72
C ASP B 52 19.63 -7.39 -0.81
N ASN B 53 19.24 -7.62 0.44
CA ASN B 53 19.18 -6.56 1.45
C ASN B 53 19.16 -7.18 2.83
N LYS B 54 20.07 -6.77 3.70
CA LYS B 54 20.19 -7.34 5.04
C LYS B 54 19.59 -6.36 6.04
N PHE B 55 18.41 -6.70 6.56
CA PHE B 55 17.74 -5.92 7.58
C PHE B 55 17.93 -6.64 8.93
N ASP B 56 18.46 -5.91 9.91
CA ASP B 56 18.65 -6.48 11.23
C ASP B 56 18.23 -5.45 12.27
N ASP B 57 17.34 -5.84 13.18
CA ASP B 57 16.90 -4.97 14.26
C ASP B 57 17.36 -5.52 15.61
N THR B 60 12.90 -0.49 18.29
CA THR B 60 12.68 0.22 17.04
C THR B 60 11.20 0.55 16.84
N LEU B 61 10.92 1.84 16.60
CA LEU B 61 9.56 2.33 16.45
C LEU B 61 9.36 2.81 15.02
N ASN B 62 8.29 2.35 14.39
CA ASN B 62 7.93 2.76 13.03
C ASN B 62 6.46 3.14 13.01
N ASN B 63 6.17 4.43 12.88
CA ASN B 63 4.81 4.92 12.82
C ASN B 63 4.58 5.61 11.48
N ALA B 64 3.51 5.21 10.79
CA ALA B 64 3.09 5.85 9.56
C ALA B 64 1.59 5.97 9.56
N GLY B 65 1.09 7.18 9.30
CA GLY B 65 -0.34 7.41 9.38
C GLY B 65 -0.77 8.60 8.57
N ALA B 66 -2.08 8.71 8.38
CA ALA B 66 -2.70 9.83 7.67
C ALA B 66 -3.94 10.24 8.46
N ASN B 67 -3.90 11.43 9.05
CA ASN B 67 -5.03 11.96 9.80
C ASN B 67 -6.05 12.53 8.81
N GLY B 68 -6.98 13.34 9.31
CA GLY B 68 -8.09 13.78 8.48
C GLY B 68 -7.63 14.46 7.22
N SER B 69 -7.71 13.74 6.10
CA SER B 69 -7.06 14.15 4.86
C SER B 69 -7.66 13.34 3.72
N LEU B 70 -7.42 13.79 2.49
CA LEU B 70 -8.01 13.20 1.29
C LEU B 70 -9.52 13.07 1.40
N SER B 71 -10.15 13.96 2.18
CA SER B 71 -11.57 13.80 2.50
C SER B 71 -12.44 13.91 1.25
N ASN B 72 -12.12 14.86 0.38
CA ASN B 72 -12.87 15.05 -0.85
C ASN B 72 -11.96 14.79 -2.05
N SER B 73 -12.56 14.35 -3.15
CA SER B 73 -11.79 14.02 -4.33
C SER B 73 -12.70 14.03 -5.55
N LYS B 74 -12.07 14.12 -6.72
CA LYS B 74 -12.77 14.03 -7.98
C LYS B 74 -11.85 13.33 -8.98
N GLY B 75 -12.42 12.43 -9.76
CA GLY B 75 -11.63 11.66 -10.70
C GLY B 75 -10.96 10.46 -10.06
N ASN B 76 -9.66 10.55 -9.83
CA ASN B 76 -8.89 9.45 -9.27
C ASN B 76 -8.18 9.87 -8.00
N LEU B 77 -7.91 8.89 -7.14
CA LEU B 77 -7.18 9.09 -5.91
C LEU B 77 -6.59 7.77 -5.47
N GLY B 78 -5.34 7.79 -5.01
CA GLY B 78 -4.69 6.58 -4.55
C GLY B 78 -3.71 6.85 -3.43
N ALA B 79 -3.81 6.09 -2.34
CA ALA B 79 -2.94 6.26 -1.20
C ALA B 79 -2.43 4.91 -0.73
N ASN B 80 -1.14 4.86 -0.37
CA ASN B 80 -0.53 3.66 0.16
C ASN B 80 0.28 4.03 1.39
N ILE B 81 0.05 3.30 2.47
CA ILE B 81 0.72 3.56 3.75
C ILE B 81 1.35 2.26 4.24
N ALA B 82 2.61 2.34 4.66
CA ALA B 82 3.28 1.16 5.19
C ALA B 82 4.27 1.59 6.26
N ALA B 83 4.56 0.66 7.16
CA ALA B 83 5.52 0.89 8.24
C ALA B 83 6.31 -0.39 8.41
N GLY B 84 7.53 -0.42 7.87
CA GLY B 84 8.30 -1.65 7.85
C GLY B 84 9.77 -1.46 7.56
N SER B 85 10.33 -2.30 6.69
CA SER B 85 11.73 -2.20 6.32
C SER B 85 11.94 -2.00 4.83
N GLY B 86 11.30 -2.81 3.99
CA GLY B 86 11.56 -2.75 2.56
C GLY B 86 10.30 -2.68 1.72
N ASN B 87 9.30 -1.95 2.18
CA ASN B 87 8.04 -1.87 1.46
C ASN B 87 8.21 -1.12 0.15
N GLN B 88 7.28 -1.35 -0.77
CA GLN B 88 7.31 -0.71 -2.08
C GLN B 88 5.93 -0.16 -2.40
N GLN B 89 5.90 1.05 -2.95
CA GLN B 89 4.66 1.76 -3.24
C GLN B 89 4.68 2.31 -4.65
N ASP B 90 3.52 2.29 -5.30
CA ASP B 90 3.42 2.77 -6.67
C ASP B 90 1.97 3.13 -6.94
N ASN B 91 1.77 4.22 -7.67
CA ASN B 91 0.45 4.69 -8.05
C ASN B 91 0.45 5.05 -9.53
N ALA B 92 -0.61 4.65 -10.24
CA ALA B 92 -0.74 4.95 -11.66
C ALA B 92 -2.20 5.29 -11.95
N ALA B 93 -2.43 6.52 -12.41
CA ALA B 93 -3.78 6.99 -12.68
C ALA B 93 -3.77 7.86 -13.93
N ALA B 94 -4.92 7.90 -14.62
CA ALA B 94 -5.03 8.67 -15.85
C ALA B 94 -6.51 8.98 -16.11
N ILE B 95 -6.73 10.01 -16.92
CA ILE B 95 -8.07 10.37 -17.40
C ILE B 95 -8.01 10.60 -18.90
N THR B 96 -9.00 10.07 -19.61
CA THR B 96 -9.14 10.27 -21.05
C THR B 96 -7.92 9.80 -21.82
N ASP B 110 1.92 -1.38 -18.25
CA ASP B 110 3.08 -2.25 -18.14
C ASP B 110 3.97 -1.84 -16.97
N ILE B 111 3.67 -2.37 -15.78
CA ILE B 111 4.37 -2.01 -14.55
C ILE B 111 4.81 -3.29 -13.87
N TYR B 112 5.84 -3.18 -13.02
CA TYR B 112 6.39 -4.34 -12.34
C TYR B 112 6.72 -3.94 -10.91
N GLN B 113 6.92 -4.96 -10.07
CA GLN B 113 7.37 -4.76 -8.70
C GLN B 113 7.97 -6.06 -8.21
N GLU B 114 9.30 -6.13 -8.22
CA GLU B 114 10.02 -7.34 -7.83
C GLU B 114 10.62 -7.15 -6.45
N SER B 115 10.74 -8.25 -5.72
CA SER B 115 11.39 -8.25 -4.41
C SER B 115 12.14 -9.57 -4.28
N LYS B 116 13.42 -9.56 -4.66
CA LYS B 116 14.26 -10.75 -4.62
C LYS B 116 14.72 -11.00 -3.18
N ASP B 117 15.74 -11.84 -3.02
CA ASP B 117 16.23 -12.25 -1.72
C ASP B 117 16.48 -11.06 -0.80
N ASN B 118 15.97 -11.14 0.41
CA ASN B 118 16.25 -10.15 1.46
C ASN B 118 16.24 -10.87 2.79
N LYS B 119 17.18 -10.52 3.65
CA LYS B 119 17.29 -11.15 4.97
C LYS B 119 16.67 -10.23 6.01
N PHE B 120 15.47 -10.56 6.47
CA PHE B 120 14.80 -9.83 7.53
C PHE B 120 15.02 -10.55 8.85
N THR B 121 15.61 -9.86 9.82
CA THR B 121 15.92 -10.47 11.10
C THR B 121 15.67 -9.47 12.22
N ASN B 122 15.00 -9.94 13.27
CA ASN B 122 14.71 -9.10 14.43
C ASN B 122 14.41 -9.93 15.67
N THR B 125 10.63 -4.83 18.44
CA THR B 125 10.26 -3.74 17.54
C THR B 125 8.75 -3.67 17.37
N GLN B 126 8.22 -2.44 17.34
CA GLN B 126 6.80 -2.21 17.17
C GLN B 126 6.58 -1.45 15.87
N ASN B 127 5.69 -1.95 15.03
CA ASN B 127 5.37 -1.35 13.73
C ASN B 127 3.92 -0.90 13.75
N ASN B 128 3.69 0.38 13.49
CA ASN B 128 2.35 0.95 13.50
C ASN B 128 2.07 1.57 12.14
N ALA B 129 1.26 0.90 11.34
CA ALA B 129 0.71 1.47 10.12
C ALA B 129 -0.77 1.75 10.35
N LEU B 130 -1.15 3.01 10.20
CA LEU B 130 -2.47 3.43 10.61
C LEU B 130 -3.01 4.42 9.59
N LEU B 131 -4.33 4.54 9.56
CA LEU B 131 -4.98 5.54 8.72
C LEU B 131 -6.23 6.00 9.46
N ASN B 132 -6.17 7.21 10.01
CA ASN B 132 -7.32 7.82 10.66
C ASN B 132 -8.26 8.38 9.61
N ASN B 133 -9.17 9.26 10.01
CA ASN B 133 -10.14 9.87 9.13
C ASN B 133 -9.52 10.22 7.78
N SER B 134 -10.12 9.71 6.71
CA SER B 134 -9.62 9.99 5.35
C SER B 134 -10.59 9.42 4.34
N ALA B 135 -10.48 9.92 3.10
CA ALA B 135 -11.20 9.38 1.95
C ALA B 135 -12.70 9.28 2.20
N ASN B 136 -13.25 10.32 2.85
CA ASN B 136 -14.63 10.22 3.32
C ASN B 136 -15.63 10.41 2.18
N ASN B 137 -15.64 11.59 1.57
CA ASN B 137 -16.61 11.91 0.51
C ASN B 137 -15.85 12.09 -0.79
N SER B 138 -15.76 11.02 -1.57
CA SER B 138 -15.00 11.01 -2.80
C SER B 138 -15.87 10.58 -3.97
N SER B 139 -15.61 11.15 -5.14
CA SER B 139 -16.31 10.79 -6.37
C SER B 139 -15.30 10.31 -7.38
N GLY B 140 -15.55 9.13 -7.95
CA GLY B 140 -14.64 8.55 -8.91
C GLY B 140 -13.99 7.28 -8.41
N ASN B 141 -12.66 7.26 -8.35
CA ASN B 141 -11.90 6.08 -7.98
C ASN B 141 -11.05 6.37 -6.75
N VAL B 142 -11.03 5.43 -5.80
CA VAL B 142 -10.21 5.54 -4.60
C VAL B 142 -9.56 4.20 -4.34
N GLY B 143 -8.25 4.22 -4.09
CA GLY B 143 -7.54 3.01 -3.74
C GLY B 143 -6.62 3.22 -2.54
N VAL B 144 -6.84 2.46 -1.47
CA VAL B 144 -6.08 2.61 -0.24
C VAL B 144 -5.48 1.26 0.13
N ASN B 145 -4.18 1.26 0.42
CA ASN B 145 -3.49 0.05 0.85
C ASN B 145 -2.68 0.36 2.10
N VAL B 146 -2.89 -0.42 3.15
CA VAL B 146 -2.19 -0.24 4.42
C VAL B 146 -1.55 -1.57 4.80
N ALA B 147 -0.30 -1.51 5.26
CA ALA B 147 0.40 -2.72 5.66
C ALA B 147 1.44 -2.37 6.71
N ALA B 148 1.58 -3.25 7.70
CA ALA B 148 2.55 -3.07 8.79
C ALA B 148 3.39 -4.34 8.87
N GLY B 149 4.47 -4.38 8.10
CA GLY B 149 5.29 -5.57 8.02
C GLY B 149 6.75 -5.30 7.78
N GLN B 150 7.36 -6.03 6.87
CA GLN B 150 8.75 -5.79 6.50
C GLN B 150 8.97 -5.69 5.00
N GLY B 151 8.26 -6.48 4.20
CA GLY B 151 8.51 -6.48 2.77
C GLY B 151 7.25 -6.41 1.94
N ASN B 152 6.26 -5.64 2.39
CA ASN B 152 4.99 -5.56 1.69
C ASN B 152 5.15 -4.79 0.38
N GLN B 153 4.19 -4.99 -0.52
CA GLN B 153 4.18 -4.32 -1.80
C GLN B 153 2.78 -3.80 -2.08
N GLN B 154 2.71 -2.58 -2.63
CA GLN B 154 1.46 -1.88 -2.83
C GLN B 154 1.38 -1.31 -4.24
N LYS B 155 0.16 -1.22 -4.77
CA LYS B 155 -0.02 -0.71 -6.11
C LYS B 155 -1.47 -0.26 -6.29
N ASN B 156 -1.64 0.83 -7.03
CA ASN B 156 -2.98 1.35 -7.33
C ASN B 156 -3.04 1.73 -8.81
N ASN B 157 -4.02 1.19 -9.52
CA ASN B 157 -4.23 1.50 -10.93
C ASN B 157 -5.61 2.11 -11.11
N LEU B 158 -5.66 3.29 -11.70
CA LEU B 158 -6.91 4.03 -11.87
C LEU B 158 -7.00 4.56 -13.30
N ALA B 159 -8.23 4.73 -13.78
CA ALA B 159 -8.43 5.22 -15.13
C ALA B 159 -9.83 5.79 -15.28
N ILE B 160 -9.98 6.71 -16.22
CA ILE B 160 -11.27 7.29 -16.58
C ILE B 160 -11.38 7.30 -18.09
N VAL B 161 -12.54 6.89 -18.61
CA VAL B 161 -12.80 6.81 -20.04
C VAL B 161 -11.73 5.99 -20.76
N ASN B 173 -1.02 -3.72 -18.15
CA ASN B 173 -0.59 -4.90 -17.41
C ASN B 173 -0.19 -4.53 -15.98
N THR B 174 0.05 -5.54 -15.16
CA THR B 174 0.41 -5.37 -13.76
C THR B 174 1.00 -6.68 -13.27
N GLU B 175 2.03 -6.58 -12.44
CA GLU B 175 2.67 -7.78 -11.91
C GLU B 175 3.40 -7.43 -10.63
N GLN B 176 3.25 -8.27 -9.63
CA GLN B 176 3.87 -8.07 -8.32
C GLN B 176 4.37 -9.41 -7.82
N VAL B 177 5.69 -9.60 -7.83
CA VAL B 177 6.29 -10.89 -7.48
C VAL B 177 7.18 -10.70 -6.27
N SER B 178 7.30 -11.75 -5.46
CA SER B 178 8.18 -11.75 -4.30
C SER B 178 8.95 -13.06 -4.32
N LEU B 179 10.22 -12.99 -4.67
CA LEU B 179 11.07 -14.17 -4.78
C LEU B 179 11.51 -14.61 -3.38
N ASP B 180 12.54 -15.46 -3.31
CA ASP B 180 13.05 -15.96 -2.04
C ASP B 180 13.28 -14.82 -1.07
N ASN B 181 13.04 -15.10 0.21
CA ASN B 181 13.26 -14.12 1.27
C ASN B 181 13.44 -14.87 2.58
N HIS B 182 14.00 -14.17 3.56
CA HIS B 182 14.27 -14.74 4.88
C HIS B 182 13.62 -13.86 5.94
N PHE B 183 12.43 -14.25 6.37
CA PHE B 183 11.73 -13.56 7.45
C PHE B 183 11.92 -14.35 8.73
N LEU B 184 12.48 -13.70 9.75
CA LEU B 184 12.70 -14.33 11.04
C LEU B 184 12.30 -13.36 12.14
N ASN B 185 11.66 -13.89 13.18
CA ASN B 185 11.22 -13.08 14.31
C ASN B 185 11.46 -13.80 15.63
N VAL B 198 8.05 -8.55 19.07
CA VAL B 198 7.73 -7.93 17.80
C VAL B 198 6.22 -7.78 17.65
N VAL B 199 5.76 -6.56 17.44
CA VAL B 199 4.34 -6.25 17.35
C VAL B 199 4.09 -5.49 16.06
N ASN B 200 3.08 -5.95 15.30
CA ASN B 200 2.68 -5.32 14.04
C ASN B 200 1.22 -4.90 14.16
N ASN B 201 0.94 -3.63 13.95
CA ASN B 201 -0.41 -3.10 14.03
C ASN B 201 -0.78 -2.41 12.73
N ALA B 202 -1.79 -2.95 12.05
CA ALA B 202 -2.41 -2.26 10.94
C ALA B 202 -3.57 -1.42 11.49
N GLY B 203 -4.37 -0.85 10.61
CA GLY B 203 -5.49 -0.07 11.08
C GLY B 203 -6.22 0.73 10.04
N LEU B 204 -7.53 0.90 10.23
CA LEU B 204 -8.36 1.72 9.36
C LEU B 204 -9.46 2.31 10.23
N LEU B 205 -9.25 3.53 10.72
CA LEU B 205 -10.26 4.20 11.52
C LEU B 205 -11.34 4.77 10.59
N ASN B 206 -12.16 5.67 11.11
CA ASN B 206 -13.30 6.17 10.36
C ASN B 206 -12.86 6.72 9.02
N SER B 207 -13.17 6.02 7.93
CA SER B 207 -12.67 6.37 6.62
C SER B 207 -13.57 5.74 5.57
N ALA B 208 -13.34 6.12 4.32
CA ALA B 208 -14.09 5.56 3.19
C ALA B 208 -15.60 5.73 3.38
N ASN B 209 -15.98 6.79 4.11
CA ASN B 209 -17.32 6.87 4.66
C ASN B 209 -18.39 6.93 3.58
N ASN B 210 -18.25 7.84 2.61
CA ASN B 210 -19.25 7.99 1.56
C ASN B 210 -18.52 8.10 0.22
N ALA B 211 -18.26 6.94 -0.40
CA ALA B 211 -17.53 6.87 -1.66
C ALA B 211 -18.51 6.55 -2.78
N SER B 212 -18.59 7.43 -3.77
CA SER B 212 -19.44 7.22 -4.95
C SER B 212 -18.54 6.84 -6.12
N GLY B 213 -18.85 5.73 -6.76
CA GLY B 213 -18.06 5.25 -7.89
C GLY B 213 -17.33 3.96 -7.57
N ASN B 214 -16.01 4.04 -7.44
CA ASN B 214 -15.18 2.89 -7.13
C ASN B 214 -14.38 3.16 -5.87
N ILE B 215 -14.11 2.09 -5.13
CA ILE B 215 -13.25 2.19 -3.94
C ILE B 215 -12.74 0.80 -3.58
N GLY B 216 -11.46 0.71 -3.26
CA GLY B 216 -10.88 -0.54 -2.83
C GLY B 216 -9.89 -0.34 -1.71
N VAL B 217 -9.98 -1.17 -0.67
CA VAL B 217 -9.14 -1.03 0.51
C VAL B 217 -8.52 -2.38 0.83
N ASN B 218 -7.21 -2.39 1.06
CA ASN B 218 -6.50 -3.60 1.45
C ASN B 218 -5.68 -3.29 2.68
N VAL B 219 -5.91 -4.06 3.76
CA VAL B 219 -5.22 -3.88 5.03
C VAL B 219 -4.57 -5.20 5.40
N ALA B 220 -3.31 -5.13 5.83
CA ALA B 220 -2.58 -6.32 6.22
C ALA B 220 -1.56 -5.97 7.29
N ALA B 221 -1.17 -6.97 8.07
CA ALA B 221 -0.17 -6.79 9.11
C ALA B 221 0.61 -8.10 9.20
N GLY B 222 1.84 -8.10 8.70
CA GLY B 222 2.59 -9.33 8.56
C GLY B 222 4.06 -9.16 8.24
N ALA B 223 4.53 -9.91 7.25
CA ALA B 223 5.93 -9.83 6.82
C ALA B 223 6.10 -9.67 5.33
N GLY B 224 5.28 -10.34 4.52
CA GLY B 224 5.47 -10.31 3.09
C GLY B 224 4.19 -10.15 2.29
N ASN B 225 3.24 -9.40 2.83
CA ASN B 225 1.94 -9.23 2.20
C ASN B 225 2.08 -8.49 0.86
N GLN B 226 1.08 -8.67 0.01
CA GLN B 226 1.07 -8.02 -1.30
C GLN B 226 -0.32 -7.48 -1.57
N GLN B 227 -0.41 -6.23 -2.02
CA GLN B 227 -1.67 -5.56 -2.23
C GLN B 227 -1.69 -4.89 -3.60
N SER B 228 -2.87 -4.86 -4.21
CA SER B 228 -3.02 -4.24 -5.51
C SER B 228 -4.48 -3.84 -5.70
N ASN B 229 -4.69 -2.76 -6.45
CA ASN B 229 -6.01 -2.26 -6.74
C ASN B 229 -6.10 -1.91 -8.22
N THR B 230 -7.30 -2.02 -8.78
CA THR B 230 -7.51 -1.73 -10.20
C THR B 230 -8.95 -1.26 -10.38
N LEU B 231 -9.12 0.01 -10.73
CA LEU B 231 -10.43 0.59 -10.90
C LEU B 231 -10.47 1.40 -12.19
N THR B 232 -11.66 1.49 -12.79
CA THR B 232 -11.81 2.23 -14.03
C THR B 232 -13.27 2.60 -14.23
N LEU B 233 -13.48 3.63 -15.06
CA LEU B 233 -14.82 4.11 -15.40
C LEU B 233 -14.92 4.17 -16.92
N GLY B 234 -16.00 4.77 -17.40
CA GLY B 234 -16.20 4.96 -18.83
C GLY B 234 -16.48 3.67 -19.58
N THR C 45 -4.61 -6.77 -17.16
CA THR C 45 -4.10 -8.06 -16.69
C THR C 45 -3.19 -7.86 -15.49
N ASP C 46 -3.63 -8.38 -14.34
CA ASP C 46 -2.87 -8.28 -13.10
C ASP C 46 -2.31 -9.65 -12.74
N THR C 47 -1.25 -9.63 -11.93
CA THR C 47 -0.61 -10.86 -11.49
C THR C 47 0.05 -10.63 -10.14
N GLN C 48 -0.07 -11.62 -9.25
CA GLN C 48 0.54 -11.55 -7.93
C GLN C 48 1.11 -12.93 -7.62
N VAL C 49 2.43 -13.02 -7.55
CA VAL C 49 3.12 -14.30 -7.42
C VAL C 49 4.07 -14.23 -6.23
N SER C 50 4.18 -15.36 -5.52
CA SER C 50 5.12 -15.48 -4.40
C SER C 50 5.86 -16.80 -4.54
N LYS C 51 7.14 -16.73 -4.89
CA LYS C 51 8.01 -17.90 -4.94
C LYS C 51 8.46 -18.26 -3.52
N ASP C 52 9.51 -19.07 -3.41
CA ASP C 52 10.03 -19.53 -2.13
C ASP C 52 10.13 -18.38 -1.13
N ASN C 53 9.83 -18.69 0.12
CA ASN C 53 9.88 -17.70 1.20
C ASN C 53 9.94 -18.42 2.54
N LYS C 54 10.95 -18.08 3.37
CA LYS C 54 11.15 -18.74 4.65
C LYS C 54 10.64 -17.84 5.75
N PHE C 55 9.50 -18.19 6.33
CA PHE C 55 8.93 -17.48 7.47
C PHE C 55 9.21 -18.28 8.73
N ASP C 56 9.82 -17.63 9.73
CA ASP C 56 10.11 -18.29 10.99
C ASP C 56 9.78 -17.32 12.12
N ASP C 57 8.97 -17.76 13.06
CA ASP C 57 8.63 -16.96 14.23
C ASP C 57 9.17 -17.61 15.51
N THR C 60 5.02 -12.73 18.86
CA THR C 60 4.73 -11.92 17.68
C THR C 60 3.24 -11.56 17.62
N LEU C 61 2.97 -10.26 17.49
CA LEU C 61 1.61 -9.75 17.48
C LEU C 61 1.31 -9.17 16.11
N ASN C 62 0.18 -9.57 15.53
CA ASN C 62 -0.28 -9.06 14.24
C ASN C 62 -1.74 -8.67 14.36
N ASN C 63 -2.01 -7.37 14.33
CA ASN C 63 -3.37 -6.84 14.42
C ASN C 63 -3.69 -6.08 13.15
N ALA C 64 -4.82 -6.41 12.53
CA ALA C 64 -5.31 -5.68 11.37
C ALA C 64 -6.81 -5.54 11.50
N GLY C 65 -7.32 -4.32 11.36
CA GLY C 65 -8.73 -4.08 11.57
C GLY C 65 -9.19 -2.81 10.88
N ALA C 66 -10.52 -2.69 10.80
CA ALA C 66 -11.17 -1.52 10.22
C ALA C 66 -12.33 -1.14 11.12
N ASN C 67 -12.23 0.00 11.80
CA ASN C 67 -13.28 0.49 12.66
C ASN C 67 -14.37 1.14 11.80
N GLY C 68 -15.25 1.93 12.43
CA GLY C 68 -16.41 2.43 11.71
C GLY C 68 -16.03 3.20 10.47
N SER C 69 -16.21 2.55 9.31
CA SER C 69 -15.65 3.04 8.06
C SER C 69 -16.35 2.31 6.92
N LEU C 70 -16.20 2.85 5.71
CA LEU C 70 -16.89 2.35 4.51
C LEU C 70 -18.40 2.24 4.73
N SER C 71 -18.95 3.06 5.62
CA SER C 71 -20.34 2.90 6.04
C SER C 71 -21.30 3.11 4.88
N ASN C 72 -21.03 4.12 4.04
CA ASN C 72 -21.87 4.40 2.89
C ASN C 72 -21.06 4.20 1.62
N SER C 73 -21.76 3.86 0.54
CA SER C 73 -21.09 3.59 -0.72
C SER C 73 -22.09 3.70 -1.87
N LYS C 74 -21.55 3.87 -3.07
CA LYS C 74 -22.35 3.87 -4.28
C LYS C 74 -21.52 3.23 -5.38
N GLY C 75 -22.16 2.38 -6.18
CA GLY C 75 -21.46 1.68 -7.23
C GLY C 75 -20.77 0.42 -6.73
N ASN C 76 -19.45 0.49 -6.58
CA ASN C 76 -18.66 -0.67 -6.18
C ASN C 76 -17.85 -0.34 -4.93
N LEU C 77 -17.53 -1.38 -4.17
CA LEU C 77 -16.70 -1.27 -2.99
C LEU C 77 -16.10 -2.63 -2.68
N GLY C 78 -14.82 -2.65 -2.33
CA GLY C 78 -14.16 -3.89 -2.00
C GLY C 78 -13.08 -3.72 -0.95
N ALA C 79 -13.12 -4.55 0.09
CA ALA C 79 -12.16 -4.47 1.18
C ALA C 79 -11.64 -5.86 1.50
N ASN C 80 -10.34 -5.93 1.76
CA ASN C 80 -9.70 -7.19 2.16
C ASN C 80 -8.79 -6.91 3.35
N ILE C 81 -8.94 -7.71 4.40
CA ILE C 81 -8.17 -7.55 5.63
C ILE C 81 -7.53 -8.87 5.97
N ALA C 82 -6.24 -8.85 6.30
CA ALA C 82 -5.55 -10.07 6.69
C ALA C 82 -4.48 -9.72 7.71
N ALA C 83 -4.12 -10.72 8.52
CA ALA C 83 -3.09 -10.57 9.54
C ALA C 83 -2.30 -11.88 9.57
N GLY C 84 -1.13 -11.88 8.93
CA GLY C 84 -0.39 -13.11 8.76
C GLY C 84 1.06 -12.92 8.37
N SER C 85 1.53 -13.70 7.41
CA SER C 85 2.90 -13.59 6.94
C SER C 85 3.01 -13.30 5.44
N GLY C 86 2.29 -14.04 4.60
CA GLY C 86 2.42 -13.88 3.17
C GLY C 86 1.12 -13.74 2.43
N ASN C 87 0.16 -13.04 3.02
CA ASN C 87 -1.16 -12.89 2.41
C ASN C 87 -1.07 -12.06 1.14
N GLN C 88 -2.07 -12.22 0.28
CA GLN C 88 -2.13 -11.49 -0.98
C GLN C 88 -3.53 -10.89 -1.14
N GLN C 89 -3.58 -9.65 -1.61
CA GLN C 89 -4.83 -8.91 -1.75
C GLN C 89 -4.90 -8.27 -3.12
N ASP C 90 -6.11 -8.22 -3.68
CA ASP C 90 -6.31 -7.65 -5.00
C ASP C 90 -7.77 -7.26 -5.13
N ASN C 91 -8.00 -6.12 -5.77
CA ASN C 91 -9.35 -5.60 -6.01
C ASN C 91 -9.45 -5.14 -7.46
N ALA C 92 -10.56 -5.48 -8.11
CA ALA C 92 -10.80 -5.10 -9.49
C ALA C 92 -12.26 -4.70 -9.63
N ALA C 93 -12.51 -3.45 -9.99
CA ALA C 93 -13.88 -2.95 -10.14
C ALA C 93 -13.95 -2.00 -11.33
N ALA C 94 -15.15 -1.89 -11.90
CA ALA C 94 -15.35 -1.05 -13.07
C ALA C 94 -16.82 -0.69 -13.19
N ILE C 95 -17.09 0.40 -13.91
CA ILE C 95 -18.46 0.79 -14.25
C ILE C 95 -18.52 1.14 -15.74
N THR C 96 -19.56 0.67 -16.41
CA THR C 96 -19.82 0.95 -17.82
C THR C 96 -18.66 0.53 -18.71
N ASP C 110 -8.77 -10.99 -16.68
CA ASP C 110 -7.62 -11.88 -16.72
C ASP C 110 -6.64 -11.56 -15.60
N ILE C 111 -6.85 -12.16 -14.43
CA ILE C 111 -6.06 -11.89 -13.24
C ILE C 111 -5.58 -13.23 -12.68
N TYR C 112 -4.49 -13.19 -11.91
CA TYR C 112 -3.91 -14.39 -11.36
C TYR C 112 -3.46 -14.10 -9.93
N GLN C 113 -3.22 -15.18 -9.18
CA GLN C 113 -2.67 -15.08 -7.83
C GLN C 113 -2.04 -16.41 -7.48
N GLU C 114 -0.71 -16.50 -7.60
CA GLU C 114 0.01 -17.74 -7.35
C GLU C 114 0.72 -17.65 -6.02
N SER C 115 0.87 -18.80 -5.37
CA SER C 115 1.63 -18.90 -4.11
C SER C 115 2.36 -20.23 -4.14
N LYS C 116 3.60 -20.21 -4.62
CA LYS C 116 4.42 -21.42 -4.72
C LYS C 116 4.99 -21.76 -3.35
N ASP C 117 6.00 -22.63 -3.33
CA ASP C 117 6.58 -23.13 -2.09
C ASP C 117 6.93 -22.00 -1.13
N ASN C 118 6.51 -22.16 0.13
CA ASN C 118 6.89 -21.25 1.19
C ASN C 118 6.97 -22.06 2.48
N LYS C 119 7.99 -21.78 3.29
CA LYS C 119 8.18 -22.50 4.55
C LYS C 119 7.66 -21.63 5.70
N PHE C 120 6.49 -21.99 6.22
CA PHE C 120 5.93 -21.32 7.38
C PHE C 120 6.24 -22.15 8.62
N THR C 121 6.92 -21.52 9.60
CA THR C 121 7.31 -22.23 10.80
C THR C 121 7.16 -21.30 12.00
N ASN C 122 6.57 -21.83 13.06
CA ASN C 122 6.39 -21.07 14.29
C ASN C 122 6.16 -21.99 15.50
N THR C 125 2.70 -17.04 18.89
CA THR C 125 2.28 -15.89 18.10
C THR C 125 0.76 -15.78 18.06
N GLN C 126 0.26 -14.55 18.15
CA GLN C 126 -1.18 -14.30 18.11
C GLN C 126 -1.49 -13.44 16.89
N ASN C 127 -2.44 -13.88 16.08
CA ASN C 127 -2.85 -13.18 14.87
C ASN C 127 -4.28 -12.72 15.02
N ASN C 128 -4.51 -11.42 14.87
CA ASN C 128 -5.83 -10.82 15.03
C ASN C 128 -6.21 -10.12 13.73
N ALA C 129 -7.10 -10.72 12.96
CA ALA C 129 -7.72 -10.06 11.82
C ALA C 129 -9.17 -9.78 12.18
N LEU C 130 -9.54 -8.51 12.16
CA LEU C 130 -10.82 -8.10 12.70
C LEU C 130 -11.43 -7.04 11.79
N LEU C 131 -12.75 -6.90 11.86
CA LEU C 131 -13.43 -5.83 11.15
C LEU C 131 -14.61 -5.41 12.02
N ASN C 132 -14.50 -4.25 12.64
CA ASN C 132 -15.58 -3.67 13.43
C ASN C 132 -16.59 -3.02 12.48
N ASN C 133 -17.44 -2.16 13.02
CA ASN C 133 -18.48 -1.48 12.25
C ASN C 133 -17.95 -1.04 10.89
N SER C 134 -18.64 -1.47 9.83
CA SER C 134 -18.25 -1.11 8.47
C SER C 134 -19.30 -1.60 7.50
N ALA C 135 -19.27 -1.01 6.30
CA ALA C 135 -20.09 -1.47 5.17
C ALA C 135 -21.57 -1.56 5.53
N ASN C 136 -22.05 -0.58 6.28
CA ASN C 136 -23.39 -0.68 6.85
C ASN C 136 -24.47 -0.41 5.81
N ASN C 137 -24.52 0.82 5.28
CA ASN C 137 -25.55 1.21 4.33
C ASN C 137 -24.89 1.47 2.99
N SER C 138 -24.89 0.46 2.13
CA SER C 138 -24.22 0.53 0.84
C SER C 138 -25.20 0.18 -0.26
N SER C 139 -25.01 0.84 -1.41
CA SER C 139 -25.81 0.57 -2.60
C SER C 139 -24.89 0.14 -3.73
N GLY C 140 -25.21 -0.99 -4.35
CA GLY C 140 -24.38 -1.51 -5.42
C GLY C 140 -23.72 -2.83 -5.06
N ASN C 141 -22.39 -2.86 -5.10
CA ASN C 141 -21.62 -4.08 -4.87
C ASN C 141 -20.67 -3.87 -3.70
N VAL C 142 -20.59 -4.88 -2.83
CA VAL C 142 -19.68 -4.85 -1.69
C VAL C 142 -19.04 -6.22 -1.56
N GLY C 143 -17.71 -6.24 -1.42
CA GLY C 143 -16.99 -7.48 -1.20
C GLY C 143 -15.99 -7.37 -0.08
N VAL C 144 -16.13 -8.19 0.96
CA VAL C 144 -15.28 -8.14 2.13
C VAL C 144 -14.67 -9.51 2.36
N ASN C 145 -13.36 -9.55 2.55
CA ASN C 145 -12.65 -10.79 2.84
C ASN C 145 -11.75 -10.57 4.04
N VAL C 146 -11.89 -11.43 5.05
CA VAL C 146 -11.09 -11.35 6.27
C VAL C 146 -10.44 -12.70 6.51
N ALA C 147 -9.16 -12.69 6.87
CA ALA C 147 -8.45 -13.93 7.13
C ALA C 147 -7.33 -13.67 8.12
N ALA C 148 -7.12 -14.62 9.03
CA ALA C 148 -6.08 -14.52 10.05
C ALA C 148 -5.25 -15.81 9.98
N GLY C 149 -4.24 -15.80 9.13
CA GLY C 149 -3.46 -17.00 8.90
C GLY C 149 -2.00 -16.73 8.56
N GLN C 150 -1.48 -17.41 7.56
CA GLN C 150 -0.12 -17.16 7.10
C GLN C 150 -0.01 -16.95 5.61
N GLY C 151 -0.79 -17.67 4.81
CA GLY C 151 -0.66 -17.59 3.37
C GLY C 151 -1.99 -17.44 2.64
N ASN C 152 -2.91 -16.70 3.23
CA ASN C 152 -4.23 -16.55 2.64
C ASN C 152 -4.16 -15.69 1.37
N GLN C 153 -5.20 -15.83 0.54
CA GLN C 153 -5.29 -15.07 -0.70
C GLN C 153 -6.70 -14.51 -0.83
N GLN C 154 -6.79 -13.26 -1.29
CA GLN C 154 -8.05 -12.53 -1.34
C GLN C 154 -8.21 -11.87 -2.69
N LYS C 155 -9.47 -11.73 -3.12
CA LYS C 155 -9.75 -11.12 -4.41
C LYS C 155 -11.20 -10.64 -4.44
N ASN C 156 -11.42 -9.50 -5.10
CA ASN C 156 -12.76 -8.95 -5.25
C ASN C 156 -12.92 -8.47 -6.69
N ASN C 157 -13.97 -8.94 -7.35
CA ASN C 157 -14.29 -8.54 -8.72
C ASN C 157 -15.66 -7.90 -8.74
N LEU C 158 -15.75 -6.67 -9.26
CA LEU C 158 -16.98 -5.91 -9.28
C LEU C 158 -17.17 -5.29 -10.65
N ALA C 159 -18.43 -5.07 -11.03
CA ALA C 159 -18.73 -4.48 -12.33
C ALA C 159 -20.13 -3.90 -12.32
N ILE C 160 -20.34 -2.91 -13.19
CA ILE C 160 -21.64 -2.29 -13.39
C ILE C 160 -21.87 -2.17 -14.90
N VAL C 161 -23.07 -2.54 -15.34
CA VAL C 161 -23.45 -2.51 -16.76
C VAL C 161 -22.45 -3.30 -17.59
N ASN C 173 -11.74 -13.29 -16.51
CA ASN C 173 -11.26 -14.52 -15.87
C ASN C 173 -10.76 -14.25 -14.47
N THR C 174 -10.47 -15.33 -13.74
CA THR C 174 -10.00 -15.25 -12.36
C THR C 174 -9.40 -16.60 -12.02
N GLU C 175 -8.30 -16.57 -11.26
CA GLU C 175 -7.64 -17.81 -10.87
C GLU C 175 -6.81 -17.55 -9.62
N GLN C 176 -6.90 -18.48 -8.67
CA GLN C 176 -6.17 -18.36 -7.41
C GLN C 176 -5.66 -19.75 -7.03
N VAL C 177 -4.35 -19.95 -7.16
CA VAL C 177 -3.74 -21.26 -6.95
C VAL C 177 -2.76 -21.16 -5.80
N SER C 178 -2.59 -22.26 -5.08
CA SER C 178 -1.63 -22.36 -3.99
C SER C 178 -0.88 -23.67 -4.16
N LEU C 179 0.36 -23.59 -4.61
CA LEU C 179 1.18 -24.77 -4.86
C LEU C 179 1.71 -25.31 -3.53
N ASP C 180 2.72 -26.17 -3.61
CA ASP C 180 3.32 -26.77 -2.41
C ASP C 180 3.65 -25.70 -1.38
N ASN C 181 3.51 -26.07 -0.11
CA ASN C 181 3.82 -25.16 0.99
C ASN C 181 4.10 -26.00 2.22
N HIS C 182 4.73 -25.38 3.21
CA HIS C 182 5.11 -26.05 4.46
C HIS C 182 4.55 -25.23 5.62
N PHE C 183 3.38 -25.63 6.12
CA PHE C 183 2.78 -25.01 7.29
C PHE C 183 3.07 -25.89 8.50
N LEU C 184 3.71 -25.31 9.51
CA LEU C 184 4.02 -26.03 10.74
C LEU C 184 3.72 -25.14 11.93
N ASN C 185 3.17 -25.73 12.98
CA ASN C 185 2.83 -24.99 14.18
C ASN C 185 3.16 -25.80 15.43
N VAL C 198 0.11 -20.75 19.49
CA VAL C 198 -0.29 -20.05 18.28
C VAL C 198 -1.81 -19.88 18.26
N VAL C 199 -2.26 -18.63 18.17
CA VAL C 199 -3.68 -18.30 18.22
C VAL C 199 -4.02 -17.46 17.00
N ASN C 200 -5.09 -17.84 16.30
CA ASN C 200 -5.57 -17.12 15.12
C ASN C 200 -7.01 -16.71 15.37
N ASN C 201 -7.29 -15.41 15.27
CA ASN C 201 -8.62 -14.88 15.50
C ASN C 201 -9.07 -14.10 14.27
N ALA C 202 -10.14 -14.57 13.65
CA ALA C 202 -10.84 -13.79 12.64
C ALA C 202 -11.93 -12.99 13.33
N GLY C 203 -12.79 -12.35 12.56
CA GLY C 203 -13.86 -11.58 13.18
C GLY C 203 -14.65 -10.71 12.24
N LEU C 204 -15.93 -10.55 12.54
CA LEU C 204 -16.81 -9.65 11.80
C LEU C 204 -17.84 -9.11 12.79
N LEU C 205 -17.57 -7.94 13.34
CA LEU C 205 -18.50 -7.29 14.27
C LEU C 205 -19.63 -6.65 13.47
N ASN C 206 -20.41 -5.79 14.11
CA ASN C 206 -21.59 -5.22 13.48
C ASN C 206 -21.24 -4.58 12.15
N SER C 207 -21.66 -5.20 11.05
CA SER C 207 -21.24 -4.77 9.72
C SER C 207 -22.23 -5.33 8.72
N ALA C 208 -22.11 -4.86 7.47
CA ALA C 208 -22.96 -5.33 6.37
C ALA C 208 -24.43 -5.15 6.70
N ASN C 209 -24.73 -4.14 7.52
CA ASN C 209 -26.03 -4.08 8.19
C ASN C 209 -27.17 -3.94 7.19
N ASN C 210 -27.09 -2.97 6.28
CA ASN C 210 -28.17 -2.73 5.31
C ASN C 210 -27.54 -2.54 3.93
N ALA C 211 -27.35 -3.65 3.22
CA ALA C 211 -26.73 -3.64 1.90
C ALA C 211 -27.79 -3.88 0.85
N SER C 212 -27.94 -2.94 -0.07
CA SER C 212 -28.86 -3.05 -1.18
C SER C 212 -28.08 -3.36 -2.45
N GLY C 213 -28.46 -4.43 -3.15
CA GLY C 213 -27.77 -4.84 -4.34
C GLY C 213 -27.04 -6.15 -4.18
N ASN C 214 -25.71 -6.09 -4.16
CA ASN C 214 -24.88 -7.28 -3.99
C ASN C 214 -23.97 -7.10 -2.78
N ILE C 215 -23.66 -8.22 -2.13
CA ILE C 215 -22.72 -8.22 -1.02
C ILE C 215 -22.21 -9.62 -0.79
N GLY C 216 -20.91 -9.76 -0.57
CA GLY C 216 -20.31 -11.05 -0.29
C GLY C 216 -19.24 -10.93 0.77
N VAL C 217 -19.26 -11.82 1.76
CA VAL C 217 -18.33 -11.78 2.88
C VAL C 217 -17.72 -13.16 3.06
N ASN C 218 -16.38 -13.19 3.18
CA ASN C 218 -15.66 -14.43 3.43
C ASN C 218 -14.75 -14.23 4.61
N VAL C 219 -14.91 -15.06 5.64
CA VAL C 219 -14.13 -14.98 6.86
C VAL C 219 -13.47 -16.33 7.11
N ALA C 220 -12.18 -16.30 7.43
CA ALA C 220 -11.45 -17.53 7.69
C ALA C 220 -10.34 -17.26 8.70
N ALA C 221 -9.90 -18.32 9.37
CA ALA C 221 -8.81 -18.23 10.34
C ALA C 221 -8.05 -19.55 10.28
N GLY C 222 -6.87 -19.52 9.68
CA GLY C 222 -6.17 -20.75 9.40
C GLY C 222 -4.72 -20.58 8.97
N ALA C 223 -4.34 -21.26 7.91
CA ALA C 223 -2.97 -21.18 7.38
C ALA C 223 -2.92 -20.91 5.89
N GLY C 224 -3.80 -21.52 5.10
CA GLY C 224 -3.74 -21.40 3.66
C GLY C 224 -5.08 -21.17 2.99
N ASN C 225 -5.96 -20.43 3.65
CA ASN C 225 -7.30 -20.21 3.13
C ASN C 225 -7.25 -19.39 1.84
N GLN C 226 -8.31 -19.49 1.05
CA GLN C 226 -8.42 -18.75 -0.19
C GLN C 226 -9.82 -18.18 -0.32
N GLN C 227 -9.92 -16.91 -0.68
CA GLN C 227 -11.19 -16.20 -0.75
C GLN C 227 -11.29 -15.44 -2.06
N SER C 228 -12.52 -15.36 -2.57
CA SER C 228 -12.76 -14.64 -3.81
C SER C 228 -14.22 -14.22 -3.86
N ASN C 229 -14.46 -13.09 -4.52
CA ASN C 229 -15.81 -12.55 -4.67
C ASN C 229 -16.00 -12.10 -6.11
N THR C 230 -17.24 -12.15 -6.57
CA THR C 230 -17.55 -11.78 -7.95
C THR C 230 -18.98 -11.27 -7.99
N LEU C 231 -19.16 -9.97 -8.23
CA LEU C 231 -20.49 -9.37 -8.26
C LEU C 231 -20.60 -8.48 -9.49
N THR C 232 -21.83 -8.33 -9.98
CA THR C 232 -22.06 -7.50 -11.16
C THR C 232 -23.53 -7.10 -11.21
N LEU C 233 -23.80 -6.02 -11.96
CA LEU C 233 -25.14 -5.50 -12.15
C LEU C 233 -25.36 -5.34 -13.66
N GLY C 234 -26.46 -4.68 -14.01
CA GLY C 234 -26.77 -4.40 -15.40
C GLY C 234 -27.13 -5.63 -16.21
#